data_8CNA
#
_entry.id   8CNA
#
_cell.length_a   86.825
_cell.length_b   144.504
_cell.length_c   154.620
_cell.angle_alpha   90.00
_cell.angle_beta   90.00
_cell.angle_gamma   90.00
#
_symmetry.space_group_name_H-M   'I 2 2 2'
#
loop_
_entity.id
_entity.type
_entity.pdbx_description
1 polymer 'histone acetyltransferase'
2 non-polymer 'ZINC ION'
3 non-polymer '[(2R,3S,4R,5R)-5-(6-amino-9H-purin-9-yl)-4-hydroxy-3-(phosphonooxy)tetrahydrofuran-2-yl]methyl (3R,20R)-20-carbamoyl-3-hydroxy-2,2-dimethyl-4,8,14,22-tetraoxo-12-thia-5,9,15,21-tetraazatricos-1-yl dihydrogen diphosphate'
#
_entity_poly.entity_id   1
_entity_poly.type   'polypeptide(L)'
_entity_poly.pdbx_seq_one_letter_code
;HHHHHHDYDIPTTENLYFQGAMGSSQPRKKIFKPEELRQALMPTLEALYRQDPESLPFRQPVDPQLLGIPDYFDIVKNPM
DLSTIKRKLDTGQYQEPWQYVDDVWLMFNNAWLYNRKTSRVYKFCSKLAEVFEQEIDPVMQSLGYCCGRKYEFSPQTLCC
YGKQLCTIPRDAAYYSYQNRYHFCEKCFTEIQGENVTLGDDPSQPQTTISKDQFEKKKNDTLDPEPFVDCKECGRKMHQI
CVLHYDIIWPSGFVCDNCLKKTGRPRKENKFSAKRLQTTRLGNHLEDRVNKFLRRQNHPEAGEVFVRVVASSDKTVEVKP
GMKSRFVDSGEMSESFPYRTKALFAFEEIDGVDVCFFGMHVQEYGSDCPPPNTRRVYISYLDSIHFFRPRCLCTAVYHEI
LIGYLEYVKKLGYVTGHIWACPPSEGDDYIFHCHPPDQKIPKPKRLQEWFKKMLDKAFAERIINDYKDIFKQANEDRLTS
AKELPYFEGDFWPNVLEESIKESGGSGSQKLYATMEKHKEVFFVIHLHAGPVISTQPPIVDPDPLLSCDLMDGRDAFLTL
ARDKHWEFSSLRRSKWSTLCMLVELHTQGQDRFVYTCNECKHHVETRWHCTVCEDYDLCINCYNTKSHTHKMVKWGLGLD
;
_entity_poly.pdbx_strand_id   A
#
loop_
_chem_comp.id
_chem_comp.type
_chem_comp.name
_chem_comp.formula
01K non-polymer '[(2R,3S,4R,5R)-5-(6-amino-9H-purin-9-yl)-4-hydroxy-3-(phosphonooxy)tetrahydrofuran-2-yl]methyl (3R,20R)-20-carbamoyl-3-hydroxy-2,2-dimethyl-4,8,14,22-tetraoxo-12-thia-5,9,15,21-tetraazatricos-1-yl dihydrogen diphosphate' 'C31 H53 N10 O19 P3 S'
ZN non-polymer 'ZINC ION' 'Zn 2'
#
# COMPACT_ATOMS: atom_id res chain seq x y z
N MET A 22 28.13 28.00 12.57
CA MET A 22 27.86 26.73 11.90
C MET A 22 28.53 26.66 10.53
N GLY A 23 29.47 25.74 10.35
CA GLY A 23 30.28 25.65 9.14
C GLY A 23 30.10 24.34 8.38
N SER A 24 29.75 24.47 7.09
CA SER A 24 29.38 23.36 6.23
C SER A 24 30.31 23.30 5.02
N SER A 25 30.35 22.14 4.34
CA SER A 25 31.21 21.95 3.16
C SER A 25 30.57 20.99 2.16
N GLN A 26 31.02 21.10 0.90
CA GLN A 26 30.93 20.12 -0.16
C GLN A 26 31.81 20.52 -1.34
N PRO A 27 32.90 19.77 -1.62
CA PRO A 27 34.04 20.36 -2.33
C PRO A 27 33.85 20.59 -3.84
N ARG A 28 32.94 19.90 -4.52
CA ARG A 28 32.64 20.19 -5.93
C ARG A 28 31.11 20.26 -6.13
N LYS A 29 30.47 21.17 -5.41
CA LYS A 29 29.04 21.45 -5.56
C LYS A 29 28.75 21.94 -6.98
N LYS A 30 27.47 21.95 -7.34
CA LYS A 30 26.98 22.58 -8.55
C LYS A 30 26.32 23.89 -8.18
N ILE A 31 26.89 24.99 -8.65
CA ILE A 31 26.25 26.29 -8.54
C ILE A 31 26.04 26.83 -9.96
N PHE A 32 24.94 27.57 -10.13
CA PHE A 32 24.50 28.03 -11.43
C PHE A 32 24.75 29.53 -11.52
N LYS A 33 25.51 29.92 -12.55
CA LYS A 33 25.77 31.33 -12.79
C LYS A 33 24.44 32.04 -13.03
N PRO A 34 24.21 33.20 -12.41
CA PRO A 34 22.86 33.79 -12.45
C PRO A 34 22.26 33.95 -13.84
N GLU A 35 23.09 34.16 -14.87
CA GLU A 35 22.54 34.20 -16.23
C GLU A 35 22.19 32.80 -16.72
N GLU A 36 22.89 31.77 -16.26
CA GLU A 36 22.49 30.39 -16.54
C GLU A 36 21.06 30.13 -16.08
N LEU A 37 20.79 30.27 -14.78
CA LEU A 37 19.46 29.91 -14.31
C LEU A 37 18.43 30.96 -14.69
N ARG A 38 18.83 32.22 -14.89
CA ARG A 38 17.90 33.14 -15.53
C ARG A 38 17.47 32.64 -16.89
N GLN A 39 18.43 32.18 -17.72
CA GLN A 39 18.11 31.67 -19.05
C GLN A 39 17.30 30.39 -18.99
N ALA A 40 17.59 29.51 -18.03
CA ALA A 40 16.86 28.25 -17.93
C ALA A 40 15.44 28.49 -17.43
N LEU A 41 15.29 29.25 -16.35
CA LEU A 41 14.01 29.40 -15.67
C LEU A 41 13.09 30.42 -16.31
N MET A 42 13.61 31.51 -16.89
CA MET A 42 12.70 32.54 -17.40
C MET A 42 11.62 32.03 -18.33
N PRO A 43 11.87 31.11 -19.28
CA PRO A 43 10.76 30.64 -20.13
C PRO A 43 9.54 30.17 -19.34
N THR A 44 9.75 29.66 -18.13
CA THR A 44 8.64 29.15 -17.32
C THR A 44 7.82 30.31 -16.73
N LEU A 45 8.50 31.29 -16.14
CA LEU A 45 7.82 32.53 -15.76
C LEU A 45 7.08 33.14 -16.95
N GLU A 46 7.79 33.28 -18.08
CA GLU A 46 7.17 33.70 -19.34
C GLU A 46 5.84 32.97 -19.59
N ALA A 47 5.82 31.65 -19.41
CA ALA A 47 4.57 30.94 -19.62
C ALA A 47 3.51 31.48 -18.68
N LEU A 48 3.82 31.49 -17.37
CA LEU A 48 2.87 32.05 -16.39
C LEU A 48 2.34 33.40 -16.84
N TYR A 49 3.18 34.20 -17.47
CA TYR A 49 2.76 35.56 -17.79
C TYR A 49 1.82 35.62 -18.98
N ARG A 50 1.90 34.63 -19.91
CA ARG A 50 1.06 34.63 -21.11
C ARG A 50 -0.40 34.27 -20.80
N GLN A 51 -0.68 33.76 -19.60
CA GLN A 51 -2.03 33.34 -19.26
C GLN A 51 -2.86 34.59 -18.98
N ASP A 52 -3.49 35.14 -20.03
CA ASP A 52 -4.32 36.33 -19.86
C ASP A 52 -5.78 35.93 -19.97
N PRO A 53 -6.63 36.22 -18.97
CA PRO A 53 -6.44 37.06 -17.78
C PRO A 53 -5.90 36.37 -16.57
N GLU A 54 -5.79 35.03 -16.62
CA GLU A 54 -5.51 34.26 -15.41
C GLU A 54 -4.33 34.83 -14.64
N SER A 55 -3.30 35.31 -15.33
CA SER A 55 -2.09 35.82 -14.69
C SER A 55 -2.19 37.28 -14.26
N LEU A 56 -3.24 37.97 -14.64
CA LEU A 56 -3.26 39.41 -14.40
C LEU A 56 -3.26 39.79 -12.92
N PRO A 57 -4.05 39.14 -12.02
CA PRO A 57 -3.99 39.49 -10.59
C PRO A 57 -2.68 39.05 -9.91
N PHE A 58 -1.71 38.60 -10.70
CA PHE A 58 -0.44 38.14 -10.16
C PHE A 58 0.77 38.88 -10.74
N ARG A 59 0.59 39.65 -11.82
CA ARG A 59 1.74 40.36 -12.36
C ARG A 59 2.25 41.42 -11.42
N GLN A 60 1.54 41.70 -10.34
CA GLN A 60 1.96 42.73 -9.41
C GLN A 60 1.51 42.35 -8.00
N PRO A 61 2.14 42.92 -6.96
CA PRO A 61 1.81 42.52 -5.59
C PRO A 61 0.38 42.85 -5.22
N VAL A 62 -0.17 42.08 -4.29
CA VAL A 62 -1.54 42.30 -3.83
C VAL A 62 -1.60 43.58 -3.00
N ASP A 63 -2.50 44.49 -3.37
CA ASP A 63 -2.64 45.79 -2.72
C ASP A 63 -3.98 45.84 -2.00
N PRO A 64 -4.06 45.35 -0.75
CA PRO A 64 -5.33 45.39 -0.01
C PRO A 64 -6.01 46.75 0.05
N GLN A 65 -5.29 47.86 -0.19
CA GLN A 65 -5.96 49.16 -0.25
C GLN A 65 -6.86 49.30 -1.49
N LEU A 66 -6.43 48.79 -2.67
CA LEU A 66 -7.33 48.85 -3.83
C LEU A 66 -8.40 47.77 -3.79
N LEU A 67 -8.14 46.65 -3.12
CA LEU A 67 -9.11 45.56 -3.11
C LEU A 67 -10.08 45.60 -1.93
N GLY A 68 -9.74 46.29 -0.83
CA GLY A 68 -10.64 46.39 0.30
C GLY A 68 -10.65 45.08 1.07
N ILE A 69 -9.46 44.65 1.45
CA ILE A 69 -9.27 43.41 2.21
C ILE A 69 -8.24 43.69 3.30
N PRO A 70 -8.59 44.42 4.37
CA PRO A 70 -7.57 44.75 5.39
C PRO A 70 -6.94 43.52 6.03
N ASP A 71 -7.67 42.42 6.16
CA ASP A 71 -7.14 41.22 6.82
C ASP A 71 -6.02 40.52 6.03
N TYR A 72 -5.69 40.95 4.81
CA TYR A 72 -4.88 40.10 3.94
C TYR A 72 -3.54 39.76 4.58
N PHE A 73 -2.78 40.78 5.00
CA PHE A 73 -1.45 40.49 5.53
C PHE A 73 -1.49 39.81 6.91
N ASP A 74 -2.67 39.63 7.50
CA ASP A 74 -2.74 38.72 8.65
C ASP A 74 -2.78 37.27 8.17
N ILE A 75 -3.54 36.98 7.09
CA ILE A 75 -3.63 35.63 6.55
C ILE A 75 -2.35 35.25 5.79
N VAL A 76 -1.91 36.10 4.85
CA VAL A 76 -0.75 35.78 4.00
C VAL A 76 0.46 36.53 4.53
N LYS A 77 1.37 35.78 5.17
CA LYS A 77 2.52 36.37 5.85
C LYS A 77 3.70 36.64 4.95
N ASN A 78 3.78 35.98 3.81
CA ASN A 78 4.94 36.11 2.91
C ASN A 78 4.41 36.25 1.50
N PRO A 79 4.00 37.46 1.11
CA PRO A 79 3.48 37.66 -0.24
C PRO A 79 4.56 37.42 -1.27
N MET A 80 4.10 37.18 -2.49
CA MET A 80 4.94 36.81 -3.61
C MET A 80 4.13 37.06 -4.88
N ASP A 81 4.80 37.50 -5.94
CA ASP A 81 4.09 37.70 -7.19
C ASP A 81 5.08 37.63 -8.35
N LEU A 82 4.52 37.43 -9.54
CA LEU A 82 5.35 37.27 -10.72
C LEU A 82 6.39 38.38 -10.83
N SER A 83 6.02 39.62 -10.51
CA SER A 83 7.00 40.69 -10.67
C SER A 83 8.14 40.56 -9.66
N THR A 84 7.86 40.06 -8.46
CA THR A 84 8.96 39.85 -7.52
C THR A 84 9.89 38.73 -7.97
N ILE A 85 9.31 37.61 -8.43
CA ILE A 85 10.10 36.50 -8.95
C ILE A 85 10.89 36.94 -10.19
N LYS A 86 10.30 37.77 -11.03
CA LYS A 86 11.04 38.30 -12.18
C LYS A 86 12.19 39.18 -11.74
N ARG A 87 11.95 40.08 -10.79
CA ARG A 87 13.02 40.96 -10.31
C ARG A 87 14.13 40.15 -9.66
N LYS A 88 13.76 39.16 -8.83
CA LYS A 88 14.76 38.29 -8.24
C LYS A 88 15.53 37.53 -9.33
N LEU A 89 14.86 37.14 -10.40
CA LEU A 89 15.54 36.36 -11.44
C LEU A 89 16.51 37.25 -12.21
N ASP A 90 16.04 38.43 -12.60
CA ASP A 90 16.80 39.38 -13.41
C ASP A 90 18.01 39.93 -12.67
N THR A 91 18.03 39.87 -11.34
CA THR A 91 19.13 40.37 -10.52
C THR A 91 19.85 39.23 -9.81
N GLY A 92 19.78 38.01 -10.35
CA GLY A 92 20.55 36.88 -9.84
C GLY A 92 20.43 36.57 -8.36
N GLN A 93 19.24 36.75 -7.76
CA GLN A 93 19.05 36.47 -6.34
C GLN A 93 18.74 35.02 -6.05
N TYR A 94 18.50 34.23 -7.08
CA TYR A 94 18.33 32.79 -6.96
C TYR A 94 19.65 32.13 -7.34
N GLN A 95 20.23 31.38 -6.38
CA GLN A 95 21.50 30.68 -6.59
C GLN A 95 21.33 29.23 -7.00
N GLU A 96 20.20 28.62 -6.65
CA GLU A 96 19.77 27.29 -6.97
C GLU A 96 18.32 27.35 -7.46
N PRO A 97 17.96 26.61 -8.51
CA PRO A 97 16.59 26.74 -9.06
C PRO A 97 15.51 26.43 -8.06
N TRP A 98 15.80 25.65 -7.02
CA TRP A 98 14.79 25.31 -6.04
C TRP A 98 14.24 26.55 -5.33
N GLN A 99 15.06 27.60 -5.15
CA GLN A 99 14.52 28.83 -4.57
C GLN A 99 13.52 29.48 -5.52
N TYR A 100 13.84 29.50 -6.81
CA TYR A 100 12.87 29.98 -7.80
C TYR A 100 11.56 29.23 -7.70
N VAL A 101 11.65 27.91 -7.81
CA VAL A 101 10.48 27.08 -7.65
C VAL A 101 9.71 27.37 -6.36
N ASP A 102 10.42 27.45 -5.24
CA ASP A 102 9.73 27.63 -3.97
C ASP A 102 9.06 28.99 -3.90
N ASP A 103 9.63 30.01 -4.55
CA ASP A 103 8.95 31.31 -4.56
C ASP A 103 7.63 31.23 -5.31
N VAL A 104 7.64 30.68 -6.54
CA VAL A 104 6.36 30.74 -7.26
C VAL A 104 5.32 29.82 -6.61
N TRP A 105 5.73 28.68 -6.03
CA TRP A 105 4.77 27.88 -5.29
C TRP A 105 4.21 28.65 -4.10
N LEU A 106 5.03 29.47 -3.43
CA LEU A 106 4.50 30.32 -2.36
C LEU A 106 3.46 31.29 -2.90
N MET A 107 3.70 31.85 -4.08
CA MET A 107 2.67 32.70 -4.69
C MET A 107 1.35 31.95 -4.88
N PHE A 108 1.43 30.72 -5.41
CA PHE A 108 0.21 29.95 -5.63
C PHE A 108 -0.46 29.61 -4.30
N ASN A 109 0.34 29.24 -3.31
CA ASN A 109 -0.20 28.82 -2.02
C ASN A 109 -0.84 30.00 -1.29
N ASN A 110 -0.29 31.21 -1.43
CA ASN A 110 -1.01 32.39 -0.92
C ASN A 110 -2.35 32.55 -1.63
N ALA A 111 -2.36 32.42 -2.97
CA ALA A 111 -3.62 32.50 -3.73
C ALA A 111 -4.67 31.51 -3.23
N TRP A 112 -4.28 30.24 -3.08
CA TRP A 112 -5.20 29.20 -2.66
C TRP A 112 -5.66 29.37 -1.22
N LEU A 113 -4.77 29.89 -0.35
CA LEU A 113 -5.09 30.02 1.06
C LEU A 113 -6.09 31.14 1.29
N TYR A 114 -5.87 32.29 0.64
CA TYR A 114 -6.70 33.45 0.97
C TYR A 114 -8.10 33.31 0.37
N ASN A 115 -8.19 32.85 -0.89
CA ASN A 115 -9.44 32.89 -1.64
C ASN A 115 -10.19 31.57 -1.50
N ARG A 116 -11.51 31.66 -1.39
CA ARG A 116 -12.31 30.44 -1.29
C ARG A 116 -12.10 29.59 -2.53
N LYS A 117 -12.31 28.27 -2.39
CA LYS A 117 -11.99 27.38 -3.50
C LYS A 117 -12.88 27.61 -4.71
N THR A 118 -13.91 28.45 -4.56
CA THR A 118 -14.81 28.84 -5.62
C THR A 118 -14.55 30.24 -6.16
N SER A 119 -13.55 30.94 -5.62
CA SER A 119 -13.12 32.27 -6.03
C SER A 119 -12.82 32.29 -7.51
N ARG A 120 -12.89 33.45 -8.16
CA ARG A 120 -12.41 33.48 -9.53
C ARG A 120 -10.90 33.33 -9.55
N VAL A 121 -10.21 33.98 -8.62
CA VAL A 121 -8.75 33.99 -8.68
C VAL A 121 -8.17 32.75 -8.02
N TYR A 122 -8.93 32.06 -7.18
CA TYR A 122 -8.55 30.69 -6.87
C TYR A 122 -8.46 29.86 -8.16
N LYS A 123 -9.43 30.00 -9.05
CA LYS A 123 -9.37 29.28 -10.33
C LYS A 123 -8.20 29.75 -11.18
N PHE A 124 -8.10 31.05 -11.43
CA PHE A 124 -6.91 31.59 -12.10
C PHE A 124 -5.64 30.89 -11.61
N CYS A 125 -5.42 30.99 -10.30
CA CYS A 125 -4.28 30.38 -9.63
C CYS A 125 -4.12 28.94 -10.05
N SER A 126 -5.20 28.18 -10.00
CA SER A 126 -5.13 26.76 -10.31
C SER A 126 -4.68 26.53 -11.75
N LYS A 127 -5.06 27.41 -12.69
CA LYS A 127 -4.65 27.23 -14.08
C LYS A 127 -3.18 27.60 -14.27
N LEU A 128 -2.78 28.71 -13.67
CA LEU A 128 -1.37 29.06 -13.64
C LEU A 128 -0.55 27.90 -13.11
N ALA A 129 -1.05 27.22 -12.08
CA ALA A 129 -0.34 26.09 -11.49
C ALA A 129 -0.33 24.90 -12.45
N GLU A 130 -1.43 24.70 -13.17
CA GLU A 130 -1.45 23.69 -14.23
C GLU A 130 -0.27 23.89 -15.17
N VAL A 131 -0.12 25.10 -15.69
CA VAL A 131 0.90 25.26 -16.73
C VAL A 131 2.28 25.40 -16.13
N PHE A 132 2.43 25.82 -14.86
CA PHE A 132 3.76 25.87 -14.28
C PHE A 132 4.25 24.45 -13.97
N GLU A 133 3.35 23.58 -13.55
CA GLU A 133 3.69 22.16 -13.49
C GLU A 133 4.11 21.69 -14.87
N GLN A 134 3.34 22.05 -15.89
CA GLN A 134 3.65 21.62 -17.25
C GLN A 134 5.07 22.00 -17.63
N GLU A 135 5.49 23.24 -17.33
CA GLU A 135 6.76 23.74 -17.82
C GLU A 135 7.95 23.44 -16.90
N ILE A 136 7.74 23.30 -15.59
CA ILE A 136 8.89 23.33 -14.69
C ILE A 136 9.56 21.97 -14.59
N ASP A 137 8.79 20.88 -14.73
CA ASP A 137 9.34 19.53 -14.69
C ASP A 137 10.47 19.32 -15.72
N PRO A 138 10.27 19.59 -17.02
CA PRO A 138 11.39 19.36 -17.96
C PRO A 138 12.61 20.25 -17.77
N VAL A 139 12.44 21.55 -17.54
CA VAL A 139 13.61 22.41 -17.35
C VAL A 139 14.34 22.01 -16.08
N MET A 140 13.62 21.82 -14.97
CA MET A 140 14.26 21.39 -13.75
C MET A 140 14.99 20.09 -13.97
N GLN A 141 14.43 19.22 -14.82
CA GLN A 141 15.07 17.94 -15.08
C GLN A 141 16.40 18.14 -15.79
N SER A 142 16.42 18.93 -16.87
CA SER A 142 17.69 19.14 -17.56
C SER A 142 18.64 20.04 -16.80
N LEU A 143 18.21 20.68 -15.69
CA LEU A 143 19.15 21.27 -14.73
C LEU A 143 19.56 20.28 -13.64
N GLY A 144 19.44 18.99 -13.91
CA GLY A 144 19.91 17.96 -13.00
C GLY A 144 18.90 17.48 -12.00
N TYR A 145 17.84 18.23 -11.74
CA TYR A 145 16.96 17.94 -10.60
C TYR A 145 15.89 16.93 -11.01
N CYS A 146 14.95 16.63 -10.11
CA CYS A 146 13.97 15.58 -10.36
C CYS A 146 12.66 16.09 -10.95
N CYS A 147 12.08 17.12 -10.34
CA CYS A 147 10.89 17.79 -10.85
C CYS A 147 10.99 19.22 -10.38
N GLY A 148 9.94 20.00 -10.63
CA GLY A 148 9.88 21.34 -10.06
C GLY A 148 8.67 21.53 -9.15
N ARG A 149 8.38 20.57 -8.28
CA ARG A 149 7.14 20.55 -7.52
C ARG A 149 7.38 20.79 -6.04
N LYS A 150 6.43 21.45 -5.40
CA LYS A 150 6.48 21.67 -3.97
C LYS A 150 5.48 20.69 -3.42
N TYR A 151 5.97 19.68 -2.69
CA TYR A 151 5.18 18.55 -2.24
C TYR A 151 4.95 18.59 -0.72
N GLU A 152 3.80 18.07 -0.28
CA GLU A 152 3.49 18.02 1.14
C GLU A 152 2.62 16.80 1.43
N PHE A 153 2.84 16.21 2.60
CA PHE A 153 2.06 15.06 3.00
C PHE A 153 0.67 15.48 3.46
N SER A 154 -0.27 14.55 3.30
CA SER A 154 -1.65 14.79 3.66
C SER A 154 -1.75 14.90 5.19
N PRO A 155 -2.70 15.68 5.71
CA PRO A 155 -2.67 16.06 7.12
C PRO A 155 -3.21 14.95 8.03
N GLN A 156 -3.00 15.12 9.33
CA GLN A 156 -3.53 14.20 10.34
C GLN A 156 -4.25 14.96 11.47
N THR A 157 -4.95 14.21 12.34
CA THR A 157 -5.73 14.72 13.49
C THR A 157 -6.70 15.85 13.14
N ASP A 220 -3.27 23.93 11.01
CA ASP A 220 -2.39 24.95 10.44
C ASP A 220 -1.15 24.41 9.68
N THR A 221 -0.40 23.50 10.30
CA THR A 221 0.83 22.95 9.76
C THR A 221 0.56 21.81 8.78
N LEU A 222 1.50 21.60 7.85
CA LEU A 222 1.61 20.35 7.11
C LEU A 222 3.07 19.91 7.11
N ASP A 223 3.31 18.59 7.13
CA ASP A 223 4.66 18.04 7.01
C ASP A 223 5.11 18.08 5.55
N PRO A 224 6.35 18.45 5.29
CA PRO A 224 6.85 18.52 3.91
C PRO A 224 7.49 17.20 3.44
N GLU A 225 7.52 17.06 2.11
CA GLU A 225 8.22 15.94 1.51
C GLU A 225 9.70 16.01 1.86
N PRO A 226 10.40 14.88 1.83
CA PRO A 226 11.81 14.91 2.17
C PRO A 226 12.64 15.09 0.91
N PHE A 227 13.87 15.58 1.15
CA PHE A 227 14.92 15.83 0.16
C PHE A 227 16.19 15.09 0.56
N VAL A 228 16.98 14.72 -0.45
CA VAL A 228 18.35 14.26 -0.23
C VAL A 228 19.22 15.05 -1.20
N ASP A 229 20.43 15.34 -0.77
CA ASP A 229 21.39 16.07 -1.57
C ASP A 229 22.34 15.06 -2.19
N CYS A 230 22.56 15.15 -3.50
CA CYS A 230 23.53 14.28 -4.15
C CYS A 230 24.92 14.48 -3.54
N LYS A 231 25.66 13.38 -3.40
CA LYS A 231 26.94 13.50 -2.72
C LYS A 231 28.02 14.04 -3.66
N GLU A 232 27.95 13.67 -4.94
CA GLU A 232 28.95 14.08 -5.92
C GLU A 232 28.67 15.44 -6.52
N CYS A 233 27.43 15.94 -6.48
CA CYS A 233 27.13 17.22 -7.09
C CYS A 233 26.35 18.22 -6.23
N GLY A 234 25.74 17.79 -5.13
CA GLY A 234 25.06 18.71 -4.23
C GLY A 234 23.68 19.18 -4.65
N ARG A 235 23.09 18.56 -5.68
CA ARG A 235 21.79 18.98 -6.20
C ARG A 235 20.68 18.33 -5.38
N LYS A 236 19.94 19.14 -4.62
CA LYS A 236 18.85 18.66 -3.76
C LYS A 236 17.71 18.10 -4.60
N MET A 237 17.21 16.92 -4.20
CA MET A 237 16.20 16.18 -4.96
C MET A 237 15.19 15.54 -4.02
N HIS A 238 13.95 15.43 -4.49
CA HIS A 238 12.86 14.85 -3.70
C HIS A 238 13.18 13.41 -3.34
N GLN A 239 13.39 13.14 -2.05
CA GLN A 239 13.65 11.75 -1.69
C GLN A 239 12.64 10.81 -2.31
N ILE A 240 11.36 11.16 -2.29
CA ILE A 240 10.39 10.25 -2.87
C ILE A 240 10.60 10.11 -4.38
N CYS A 241 10.94 11.21 -5.06
CA CYS A 241 11.07 11.18 -6.51
C CYS A 241 12.14 10.18 -6.93
N VAL A 242 13.32 10.24 -6.28
CA VAL A 242 14.46 9.46 -6.72
C VAL A 242 14.59 8.17 -5.92
N LEU A 243 13.67 7.95 -4.98
CA LEU A 243 13.57 6.68 -4.26
C LEU A 243 14.88 6.28 -3.59
N HIS A 244 15.58 7.22 -2.99
CA HIS A 244 16.76 6.87 -2.22
C HIS A 244 16.42 6.61 -0.75
N TYR A 245 16.91 5.49 -0.23
CA TYR A 245 16.78 5.11 1.19
C TYR A 245 18.17 4.73 1.68
N ASP A 246 18.70 5.45 2.67
CA ASP A 246 20.07 5.20 3.11
C ASP A 246 20.29 3.73 3.49
N ILE A 247 19.32 3.10 4.14
CA ILE A 247 19.47 1.74 4.66
C ILE A 247 19.84 0.75 3.56
N ILE A 248 19.41 1.02 2.32
CA ILE A 248 19.74 0.16 1.20
C ILE A 248 21.13 0.49 0.66
N TRP A 249 21.43 1.79 0.54
CA TRP A 249 22.67 2.32 0.00
C TRP A 249 23.27 3.23 1.07
N PRO A 250 23.95 2.66 2.08
CA PRO A 250 24.33 3.44 3.28
C PRO A 250 25.41 4.47 3.06
N SER A 251 26.02 4.51 1.87
CA SER A 251 27.06 5.47 1.57
C SER A 251 26.50 6.82 1.10
N GLY A 252 25.21 7.05 1.30
CA GLY A 252 24.59 8.27 0.81
C GLY A 252 24.09 8.11 -0.61
N PHE A 253 23.63 9.23 -1.15
CA PHE A 253 22.96 9.27 -2.44
C PHE A 253 23.87 9.95 -3.47
N VAL A 254 23.92 9.37 -4.68
CA VAL A 254 24.50 10.03 -5.84
C VAL A 254 23.53 9.88 -7.02
N CYS A 255 23.41 10.94 -7.81
CA CYS A 255 22.37 11.05 -8.82
C CYS A 255 22.64 10.06 -9.95
N ASP A 256 21.72 10.01 -10.93
CA ASP A 256 21.90 9.16 -12.10
C ASP A 256 22.99 9.74 -13.03
N ASN A 257 23.00 11.06 -13.20
CA ASN A 257 23.98 11.66 -14.11
C ASN A 257 25.40 11.62 -13.55
N CYS A 258 25.57 11.93 -12.25
CA CYS A 258 26.86 11.80 -11.58
C CYS A 258 27.38 10.36 -11.59
N LEU A 259 26.53 9.39 -11.91
CA LEU A 259 26.98 8.01 -12.04
C LEU A 259 27.38 7.68 -13.48
N LYS A 260 26.55 8.07 -14.47
CA LYS A 260 26.99 7.88 -15.86
C LYS A 260 28.28 8.64 -16.12
N LYS A 261 28.49 9.77 -15.45
CA LYS A 261 29.73 10.55 -15.55
C LYS A 261 30.93 9.79 -15.02
N THR A 262 30.70 8.81 -14.15
CA THR A 262 31.75 7.96 -13.61
C THR A 262 31.64 6.52 -14.12
N GLY A 263 30.79 6.27 -15.15
CA GLY A 263 30.62 4.94 -15.74
C GLY A 263 30.04 3.87 -14.84
N ARG A 264 29.79 4.20 -13.55
CA ARG A 264 29.22 3.24 -12.62
C ARG A 264 27.74 2.99 -12.95
N PRO A 265 27.27 1.75 -12.76
CA PRO A 265 25.83 1.49 -12.79
C PRO A 265 25.24 1.56 -11.38
N ARG A 266 23.91 1.51 -11.32
CA ARG A 266 23.23 1.59 -10.03
C ARG A 266 23.41 0.30 -9.25
N LYS A 267 23.35 0.39 -7.92
CA LYS A 267 23.47 -0.79 -7.09
C LYS A 267 22.09 -1.39 -6.83
N GLU A 268 21.98 -2.70 -7.02
CA GLU A 268 20.73 -3.44 -6.91
C GLU A 268 20.02 -3.20 -5.58
N ASN A 269 18.71 -2.89 -5.64
CA ASN A 269 17.87 -3.04 -4.44
C ASN A 269 17.66 -4.52 -4.20
N LYS A 270 18.42 -5.06 -3.26
CA LYS A 270 18.20 -6.42 -2.80
C LYS A 270 16.91 -6.57 -2.03
N PHE A 271 16.40 -5.49 -1.43
CA PHE A 271 15.22 -5.60 -0.57
C PHE A 271 13.94 -5.56 -1.43
N SER A 272 13.86 -6.54 -2.32
CA SER A 272 12.81 -6.61 -3.32
C SER A 272 11.63 -7.42 -2.81
N ALA A 273 10.49 -7.27 -3.47
CA ALA A 273 9.36 -8.16 -3.19
C ALA A 273 9.70 -9.59 -3.58
N LYS A 274 10.27 -9.80 -4.76
CA LYS A 274 10.65 -11.14 -5.17
C LYS A 274 11.44 -11.83 -4.08
N ARG A 275 12.37 -11.10 -3.46
CA ARG A 275 13.31 -11.74 -2.54
C ARG A 275 12.87 -11.77 -1.07
N LEU A 276 11.65 -11.30 -0.74
CA LEU A 276 11.01 -11.76 0.49
C LEU A 276 10.90 -13.28 0.47
N GLN A 277 10.76 -13.87 1.67
CA GLN A 277 10.65 -15.32 1.75
C GLN A 277 9.47 -15.80 0.92
N THR A 278 9.77 -16.67 -0.02
CA THR A 278 8.74 -17.27 -0.85
C THR A 278 8.11 -18.42 -0.09
N THR A 279 6.83 -18.68 -0.37
CA THR A 279 6.10 -19.70 0.38
C THR A 279 4.98 -20.30 -0.47
N ARG A 280 4.69 -21.58 -0.19
CA ARG A 280 3.86 -22.42 -1.06
C ARG A 280 2.52 -21.77 -1.37
N LEU A 281 1.85 -21.24 -0.35
CA LEU A 281 0.59 -20.52 -0.56
C LEU A 281 0.78 -19.33 -1.50
N GLY A 282 1.75 -18.47 -1.18
CA GLY A 282 1.95 -17.28 -1.98
C GLY A 282 2.38 -17.63 -3.39
N ASN A 283 3.16 -18.71 -3.51
CA ASN A 283 3.55 -19.18 -4.83
C ASN A 283 2.34 -19.59 -5.64
N HIS A 284 1.39 -20.29 -5.01
CA HIS A 284 0.18 -20.70 -5.71
C HIS A 284 -0.59 -19.48 -6.23
N LEU A 285 -0.81 -18.49 -5.35
CA LEU A 285 -1.55 -17.32 -5.81
C LEU A 285 -0.82 -16.60 -6.94
N GLU A 286 0.50 -16.39 -6.78
CA GLU A 286 1.25 -15.63 -7.77
C GLU A 286 1.34 -16.39 -9.10
N ASP A 287 1.41 -17.73 -9.05
CA ASP A 287 1.40 -18.51 -10.27
C ASP A 287 0.06 -18.40 -10.98
N ARG A 288 -1.05 -18.43 -10.22
CA ARG A 288 -2.36 -18.31 -10.85
C ARG A 288 -2.47 -16.99 -11.59
N VAL A 289 -2.07 -15.89 -10.94
CA VAL A 289 -2.32 -14.62 -11.62
C VAL A 289 -1.29 -14.36 -12.70
N ASN A 290 -0.06 -14.88 -12.56
CA ASN A 290 0.89 -14.67 -13.63
C ASN A 290 0.47 -15.39 -14.91
N LYS A 291 0.02 -16.64 -14.80
CA LYS A 291 -0.51 -17.33 -15.97
C LYS A 291 -1.73 -16.61 -16.56
N PHE A 292 -2.62 -16.12 -15.69
CA PHE A 292 -3.79 -15.40 -16.19
C PHE A 292 -3.38 -14.14 -16.98
N LEU A 293 -2.49 -13.32 -16.43
CA LEU A 293 -2.17 -12.07 -17.11
C LEU A 293 -1.31 -12.29 -18.33
N ARG A 294 -0.62 -13.42 -18.41
CA ARG A 294 -0.10 -13.81 -19.72
C ARG A 294 -1.26 -14.14 -20.67
N ARG A 295 -2.30 -14.83 -20.16
CA ARG A 295 -3.44 -15.23 -21.00
C ARG A 295 -4.10 -14.02 -21.67
N GLN A 296 -4.48 -13.01 -20.91
CA GLN A 296 -4.76 -11.72 -21.53
C GLN A 296 -3.60 -10.82 -21.21
N ASN A 297 -2.74 -10.57 -22.21
CA ASN A 297 -1.53 -9.81 -21.97
C ASN A 297 -1.65 -8.43 -22.61
N HIS A 298 -1.88 -7.41 -21.77
CA HIS A 298 -1.61 -6.04 -22.16
C HIS A 298 -0.09 -5.84 -22.15
N PRO A 299 0.45 -5.09 -23.12
CA PRO A 299 1.90 -4.90 -23.16
C PRO A 299 2.46 -4.10 -21.98
N GLU A 300 1.63 -3.43 -21.18
CA GLU A 300 2.14 -2.65 -20.06
C GLU A 300 2.10 -3.37 -18.71
N ALA A 301 1.30 -4.42 -18.57
CA ALA A 301 1.31 -5.20 -17.34
C ALA A 301 2.70 -5.73 -17.06
N GLY A 302 3.00 -5.90 -15.77
CA GLY A 302 4.31 -6.36 -15.32
C GLY A 302 4.21 -7.57 -14.42
N GLU A 303 5.34 -8.03 -13.88
CA GLU A 303 5.38 -9.25 -13.07
C GLU A 303 4.59 -9.06 -11.78
N VAL A 304 3.99 -10.14 -11.29
CA VAL A 304 3.32 -10.11 -10.00
C VAL A 304 4.04 -11.05 -9.04
N PHE A 305 4.16 -10.59 -7.80
CA PHE A 305 4.76 -11.33 -6.70
C PHE A 305 3.77 -11.35 -5.55
N VAL A 306 3.25 -12.50 -5.23
CA VAL A 306 2.49 -12.64 -4.01
C VAL A 306 3.42 -13.20 -2.95
N ARG A 307 3.20 -12.79 -1.70
CA ARG A 307 4.12 -13.13 -0.62
C ARG A 307 3.35 -13.16 0.69
N VAL A 308 3.52 -14.23 1.46
CA VAL A 308 2.96 -14.33 2.80
C VAL A 308 4.00 -13.75 3.77
N VAL A 309 3.71 -12.57 4.32
CA VAL A 309 4.71 -11.80 5.09
C VAL A 309 4.60 -12.04 6.60
N ALA A 310 3.59 -12.75 7.05
CA ALA A 310 3.47 -13.09 8.45
C ALA A 310 2.46 -14.21 8.56
N SER A 311 2.62 -15.01 9.61
CA SER A 311 1.81 -16.19 9.84
C SER A 311 2.09 -16.59 11.28
N SER A 312 1.04 -16.85 12.06
CA SER A 312 1.24 -17.09 13.50
C SER A 312 -0.03 -17.66 14.09
N ASP A 313 0.17 -18.39 15.20
CA ASP A 313 -0.88 -19.19 15.82
C ASP A 313 -1.53 -18.36 16.91
N LYS A 314 -2.78 -17.96 16.70
CA LYS A 314 -3.50 -17.15 17.68
C LYS A 314 -4.76 -17.92 18.10
N THR A 315 -5.47 -17.38 19.10
CA THR A 315 -6.72 -17.99 19.58
C THR A 315 -7.73 -16.90 19.94
N VAL A 316 -8.97 -17.03 19.47
CA VAL A 316 -10.02 -16.03 19.70
C VAL A 316 -10.80 -16.37 20.95
N GLU A 317 -10.69 -15.51 21.96
CA GLU A 317 -11.29 -15.76 23.26
C GLU A 317 -12.74 -15.33 23.24
N VAL A 318 -13.63 -16.16 23.79
CA VAL A 318 -15.08 -15.96 23.69
C VAL A 318 -15.54 -14.88 24.68
N LYS A 319 -16.35 -13.92 24.19
CA LYS A 319 -16.66 -12.68 24.94
C LYS A 319 -17.61 -12.97 26.11
N PRO A 320 -17.45 -12.22 27.23
CA PRO A 320 -17.86 -12.77 28.56
C PRO A 320 -19.29 -13.24 28.71
N GLY A 321 -20.27 -12.46 28.25
CA GLY A 321 -21.65 -12.90 28.41
C GLY A 321 -21.92 -14.15 27.61
N MET A 322 -21.64 -14.02 26.31
CA MET A 322 -21.70 -15.14 25.36
C MET A 322 -20.93 -16.34 25.87
N LYS A 323 -19.87 -16.10 26.66
CA LYS A 323 -19.06 -17.19 27.19
C LYS A 323 -19.78 -17.91 28.31
N SER A 324 -20.30 -17.16 29.28
CA SER A 324 -20.91 -17.80 30.44
C SER A 324 -22.23 -18.48 30.10
N ARG A 325 -22.95 -18.02 29.05
CA ARG A 325 -24.12 -18.83 28.71
C ARG A 325 -23.77 -20.09 27.90
N PHE A 326 -22.51 -20.37 27.58
CA PHE A 326 -22.19 -21.60 26.84
C PHE A 326 -20.91 -22.32 27.26
N VAL A 327 -20.03 -21.73 28.06
CA VAL A 327 -18.79 -22.40 28.45
C VAL A 327 -18.89 -23.05 29.82
N ASP A 328 -19.49 -22.37 30.81
CA ASP A 328 -19.80 -23.07 32.05
C ASP A 328 -20.68 -24.27 31.73
N SER A 329 -21.65 -24.06 30.82
CA SER A 329 -22.39 -25.14 30.19
C SER A 329 -21.45 -26.24 29.68
N GLY A 330 -20.33 -25.84 29.08
CA GLY A 330 -19.44 -26.80 28.44
C GLY A 330 -19.82 -27.15 27.02
N GLU A 331 -20.80 -26.45 26.44
CA GLU A 331 -21.18 -26.73 25.06
C GLU A 331 -20.07 -26.36 24.08
N MET A 332 -19.44 -25.19 24.26
CA MET A 332 -18.35 -24.79 23.40
C MET A 332 -17.25 -24.09 24.22
N SER A 333 -16.11 -23.92 23.58
CA SER A 333 -14.82 -23.76 24.24
C SER A 333 -14.55 -22.31 24.67
N GLU A 334 -13.74 -22.19 25.72
CA GLU A 334 -13.16 -20.92 26.13
C GLU A 334 -12.63 -20.18 24.89
N SER A 335 -11.55 -20.69 24.29
CA SER A 335 -10.88 -20.06 23.15
C SER A 335 -11.13 -20.86 21.88
N PHE A 336 -10.73 -20.28 20.77
CA PHE A 336 -10.78 -21.00 19.51
C PHE A 336 -9.49 -20.74 18.75
N PRO A 337 -8.69 -21.76 18.51
CA PRO A 337 -7.36 -21.55 17.93
C PRO A 337 -7.37 -21.53 16.41
N TYR A 338 -6.66 -20.54 15.86
CA TYR A 338 -6.52 -20.38 14.41
C TYR A 338 -5.10 -19.99 14.08
N ARG A 339 -4.81 -19.99 12.79
CA ARG A 339 -3.59 -19.42 12.25
C ARG A 339 -4.02 -18.21 11.46
N THR A 340 -3.40 -17.07 11.72
CA THR A 340 -3.64 -15.87 10.95
C THR A 340 -2.49 -15.71 9.96
N LYS A 341 -2.80 -15.26 8.75
CA LYS A 341 -1.74 -14.98 7.78
C LYS A 341 -2.06 -13.65 7.10
N ALA A 342 -1.05 -12.78 7.06
CA ALA A 342 -1.09 -11.55 6.29
C ALA A 342 -0.30 -11.79 5.02
N LEU A 343 -0.88 -11.41 3.89
CA LEU A 343 -0.28 -11.73 2.61
C LEU A 343 -0.51 -10.58 1.65
N PHE A 344 0.51 -10.28 0.84
CA PHE A 344 0.57 -9.05 0.06
C PHE A 344 0.98 -9.33 -1.40
N ALA A 345 0.51 -8.46 -2.30
CA ALA A 345 0.76 -8.60 -3.73
C ALA A 345 1.48 -7.37 -4.25
N PHE A 346 2.58 -7.59 -4.98
CA PHE A 346 3.36 -6.49 -5.55
C PHE A 346 3.44 -6.65 -7.06
N GLU A 347 3.39 -5.52 -7.76
CA GLU A 347 3.63 -5.47 -9.20
C GLU A 347 4.83 -4.60 -9.46
N GLU A 348 5.60 -4.94 -10.50
CA GLU A 348 6.71 -4.10 -10.93
C GLU A 348 6.17 -3.05 -11.88
N ILE A 349 6.49 -1.79 -11.59
CA ILE A 349 5.97 -0.66 -12.35
C ILE A 349 7.11 0.35 -12.46
N ASP A 350 7.56 0.62 -13.68
CA ASP A 350 8.73 1.45 -13.91
C ASP A 350 9.96 0.82 -13.24
N GLY A 351 9.96 -0.49 -13.12
CA GLY A 351 11.15 -1.18 -12.64
C GLY A 351 11.27 -1.28 -11.15
N VAL A 352 10.21 -0.97 -10.39
CA VAL A 352 10.23 -1.03 -8.94
C VAL A 352 8.92 -1.63 -8.45
N ASP A 353 8.99 -2.33 -7.32
CA ASP A 353 7.79 -2.97 -6.78
C ASP A 353 6.79 -1.92 -6.32
N VAL A 354 5.53 -2.14 -6.67
CA VAL A 354 4.42 -1.33 -6.18
C VAL A 354 3.38 -2.26 -5.58
N CYS A 355 3.33 -2.26 -4.26
CA CYS A 355 2.42 -3.08 -3.49
C CYS A 355 0.98 -2.60 -3.70
N PHE A 356 0.15 -3.39 -4.38
CA PHE A 356 -1.21 -2.95 -4.73
C PHE A 356 -2.33 -3.69 -4.04
N PHE A 357 -2.04 -4.64 -3.14
CA PHE A 357 -3.11 -5.44 -2.55
C PHE A 357 -2.61 -6.11 -1.29
N GLY A 358 -3.52 -6.24 -0.32
CA GLY A 358 -3.18 -6.88 0.94
C GLY A 358 -4.40 -7.55 1.51
N MET A 359 -4.18 -8.63 2.28
CA MET A 359 -5.25 -9.42 2.85
C MET A 359 -4.80 -10.09 4.13
N HIS A 360 -5.78 -10.34 5.02
CA HIS A 360 -5.55 -10.89 6.35
C HIS A 360 -6.60 -11.94 6.64
N VAL A 361 -6.16 -13.20 6.75
CA VAL A 361 -7.07 -14.31 6.91
C VAL A 361 -6.85 -14.98 8.25
N GLN A 362 -7.93 -15.59 8.75
CA GLN A 362 -7.92 -16.46 9.92
C GLN A 362 -8.37 -17.83 9.45
N GLU A 363 -7.55 -18.86 9.70
CA GLU A 363 -7.79 -20.22 9.27
C GLU A 363 -7.93 -21.10 10.49
N TYR A 364 -9.05 -21.82 10.59
CA TYR A 364 -9.38 -22.65 11.73
C TYR A 364 -9.23 -24.10 11.32
N GLY A 365 -8.39 -24.82 12.04
CA GLY A 365 -7.87 -26.08 11.56
C GLY A 365 -8.82 -27.24 11.79
N SER A 366 -8.32 -28.44 11.51
CA SER A 366 -9.12 -29.64 11.71
C SER A 366 -9.23 -30.03 13.18
N ASP A 367 -8.33 -29.54 14.04
CA ASP A 367 -8.34 -29.86 15.46
C ASP A 367 -9.12 -28.84 16.29
N CYS A 368 -9.69 -27.83 15.65
CA CYS A 368 -10.44 -26.80 16.36
C CYS A 368 -11.80 -27.36 16.77
N PRO A 369 -12.21 -27.20 18.01
CA PRO A 369 -13.54 -27.64 18.39
C PRO A 369 -14.57 -26.88 17.58
N PRO A 370 -15.71 -27.48 17.26
CA PRO A 370 -16.73 -26.79 16.47
C PRO A 370 -17.34 -25.64 17.26
N PRO A 371 -17.98 -24.66 16.60
CA PRO A 371 -18.37 -24.60 15.19
C PRO A 371 -17.28 -24.20 14.18
N ASN A 372 -16.10 -23.82 14.66
CA ASN A 372 -15.13 -23.20 13.76
C ASN A 372 -14.34 -24.21 12.92
N THR A 373 -14.49 -25.52 13.20
CA THR A 373 -13.65 -26.56 12.60
C THR A 373 -13.61 -26.48 11.07
N ARG A 374 -12.38 -26.46 10.54
CA ARG A 374 -12.10 -26.50 9.09
C ARG A 374 -12.78 -25.35 8.34
N ARG A 375 -12.61 -24.14 8.87
CA ARG A 375 -13.16 -22.94 8.25
C ARG A 375 -12.08 -21.90 8.12
N VAL A 376 -12.11 -21.17 7.01
CA VAL A 376 -11.27 -20.01 6.82
C VAL A 376 -12.19 -18.80 6.84
N TYR A 377 -11.59 -17.64 7.11
CA TYR A 377 -12.30 -16.37 7.23
C TYR A 377 -11.32 -15.29 6.83
N ILE A 378 -11.70 -14.42 5.89
CA ILE A 378 -10.83 -13.31 5.52
C ILE A 378 -11.20 -12.13 6.42
N SER A 379 -10.29 -11.80 7.35
CA SER A 379 -10.60 -10.75 8.32
C SER A 379 -10.71 -9.42 7.62
N TYR A 380 -9.78 -9.12 6.71
CA TYR A 380 -10.00 -7.93 5.88
C TYR A 380 -9.10 -7.88 4.65
N LEU A 381 -9.53 -6.99 3.73
CA LEU A 381 -9.00 -6.78 2.39
C LEU A 381 -8.66 -5.31 2.19
N ASP A 382 -7.62 -5.03 1.41
CA ASP A 382 -7.41 -3.66 0.95
C ASP A 382 -6.61 -3.67 -0.35
N SER A 383 -6.63 -2.49 -1.01
CA SER A 383 -6.31 -2.31 -2.42
C SER A 383 -5.95 -0.86 -2.68
N ILE A 384 -4.94 -0.64 -3.55
CA ILE A 384 -4.67 0.65 -4.17
C ILE A 384 -4.66 0.48 -5.69
N HIS A 385 -5.35 1.39 -6.41
CA HIS A 385 -5.73 1.17 -7.81
C HIS A 385 -4.61 1.45 -8.80
N PHE A 386 -3.36 1.45 -8.36
CA PHE A 386 -2.24 1.75 -9.24
C PHE A 386 -1.71 0.49 -9.94
N PHE A 387 -2.50 -0.58 -9.98
CA PHE A 387 -2.10 -1.73 -10.76
C PHE A 387 -2.13 -1.41 -12.24
N ARG A 388 -1.05 -1.78 -12.92
CA ARG A 388 -0.87 -1.41 -14.31
C ARG A 388 -1.16 -2.64 -15.17
N PRO A 389 -2.22 -2.64 -16.00
CA PRO A 389 -3.23 -1.63 -16.38
C PRO A 389 -4.52 -1.70 -15.55
N ARG A 390 -5.12 -0.54 -15.22
CA ARG A 390 -6.29 -0.53 -14.34
C ARG A 390 -7.43 -1.36 -14.92
N CYS A 391 -7.39 -1.65 -16.22
CA CYS A 391 -8.34 -2.59 -16.81
C CYS A 391 -8.34 -3.93 -16.06
N LEU A 392 -7.16 -4.48 -15.81
CA LEU A 392 -7.01 -5.82 -15.26
C LEU A 392 -7.10 -5.87 -13.74
N CYS A 393 -7.21 -4.73 -13.11
CA CYS A 393 -7.26 -4.62 -11.69
C CYS A 393 -8.04 -5.64 -10.95
N THR A 394 -9.31 -5.65 -11.23
CA THR A 394 -10.28 -6.45 -10.52
C THR A 394 -10.14 -7.92 -10.87
N ALA A 395 -9.85 -8.21 -12.14
CA ALA A 395 -9.64 -9.60 -12.53
C ALA A 395 -8.55 -10.25 -11.67
N VAL A 396 -7.49 -9.50 -11.34
CA VAL A 396 -6.43 -10.16 -10.58
C VAL A 396 -6.68 -10.08 -9.09
N TYR A 397 -7.42 -9.07 -8.59
CA TYR A 397 -7.90 -9.18 -7.21
C TYR A 397 -8.71 -10.47 -7.04
N HIS A 398 -9.55 -10.75 -8.03
CA HIS A 398 -10.34 -11.97 -7.99
C HIS A 398 -9.47 -13.20 -8.09
N GLU A 399 -8.48 -13.20 -8.99
CA GLU A 399 -7.68 -14.40 -9.11
C GLU A 399 -6.90 -14.65 -7.83
N ILE A 400 -6.49 -13.58 -7.12
CA ILE A 400 -5.90 -13.76 -5.79
C ILE A 400 -6.87 -14.48 -4.87
N LEU A 401 -8.05 -13.88 -4.67
CA LEU A 401 -9.02 -14.47 -3.74
C LEU A 401 -9.31 -15.93 -4.12
N ILE A 402 -9.58 -16.19 -5.40
CA ILE A 402 -9.96 -17.54 -5.76
C ILE A 402 -8.76 -18.48 -5.69
N GLY A 403 -7.55 -17.98 -5.90
CA GLY A 403 -6.40 -18.83 -5.67
C GLY A 403 -6.30 -19.23 -4.23
N TYR A 404 -6.67 -18.32 -3.33
CA TYR A 404 -6.66 -18.64 -1.91
C TYR A 404 -7.69 -19.70 -1.57
N LEU A 405 -8.87 -19.60 -2.18
CA LEU A 405 -9.92 -20.59 -1.95
C LEU A 405 -9.51 -21.96 -2.46
N GLU A 406 -9.02 -22.03 -3.70
CA GLU A 406 -8.39 -23.23 -4.24
C GLU A 406 -7.38 -23.85 -3.28
N TYR A 407 -6.40 -23.05 -2.82
CA TYR A 407 -5.32 -23.59 -1.98
C TYR A 407 -5.85 -24.15 -0.66
N VAL A 408 -6.69 -23.38 0.05
CA VAL A 408 -7.19 -23.92 1.32
C VAL A 408 -8.10 -25.12 1.10
N LYS A 409 -8.91 -25.10 0.04
CA LYS A 409 -9.66 -26.28 -0.37
C LYS A 409 -8.75 -27.50 -0.41
N LYS A 410 -7.67 -27.39 -1.19
CA LYS A 410 -6.91 -28.58 -1.54
C LYS A 410 -6.38 -29.31 -0.31
N LEU A 411 -6.09 -28.60 0.78
CA LEU A 411 -5.40 -29.26 1.87
C LEU A 411 -6.24 -29.43 3.13
N GLY A 412 -7.54 -29.14 3.09
CA GLY A 412 -8.39 -29.60 4.18
C GLY A 412 -9.58 -28.79 4.60
N TYR A 413 -9.59 -27.49 4.34
CA TYR A 413 -10.72 -26.69 4.80
C TYR A 413 -11.92 -26.97 3.90
N VAL A 414 -13.12 -26.71 4.43
CA VAL A 414 -14.34 -26.96 3.67
C VAL A 414 -15.27 -25.75 3.57
N THR A 415 -15.27 -24.77 4.47
CA THR A 415 -16.10 -23.58 4.27
C THR A 415 -15.31 -22.32 4.58
N GLY A 416 -15.41 -21.32 3.71
CA GLY A 416 -14.91 -19.99 3.96
C GLY A 416 -16.03 -18.99 4.21
N HIS A 417 -15.63 -17.75 4.56
CA HIS A 417 -16.60 -16.75 4.98
C HIS A 417 -16.08 -15.35 4.71
N ILE A 418 -16.83 -14.58 3.92
CA ILE A 418 -16.45 -13.23 3.51
C ILE A 418 -17.51 -12.27 4.00
N TRP A 419 -17.33 -11.72 5.19
CA TRP A 419 -18.14 -10.58 5.61
C TRP A 419 -17.72 -9.37 4.78
N ALA A 420 -18.67 -8.81 4.02
CA ALA A 420 -18.39 -7.83 2.97
C ALA A 420 -18.75 -6.43 3.46
N CYS A 421 -17.88 -5.86 4.27
CA CYS A 421 -18.17 -4.61 4.96
C CYS A 421 -17.31 -3.50 4.39
N PRO A 422 -17.91 -2.36 4.05
CA PRO A 422 -17.15 -1.30 3.39
C PRO A 422 -16.24 -0.58 4.36
N PRO A 423 -15.13 -0.02 3.89
CA PRO A 423 -14.22 0.71 4.78
C PRO A 423 -14.91 1.94 5.36
N SER A 424 -14.95 2.01 6.70
CA SER A 424 -15.70 3.05 7.36
C SER A 424 -14.97 4.38 7.28
N GLU A 425 -15.74 5.47 7.41
CA GLU A 425 -15.22 6.78 7.88
C GLU A 425 -14.07 7.21 6.96
N GLY A 426 -12.98 7.73 7.51
CA GLY A 426 -11.75 7.91 6.77
C GLY A 426 -10.77 6.88 7.27
N ASP A 427 -11.33 5.70 7.56
CA ASP A 427 -10.59 4.57 8.13
C ASP A 427 -10.03 3.77 6.97
N ASP A 428 -8.72 3.49 7.01
CA ASP A 428 -8.07 2.68 5.99
C ASP A 428 -7.82 1.27 6.55
N TYR A 429 -8.12 0.25 5.75
CA TYR A 429 -8.08 -1.12 6.27
C TYR A 429 -6.64 -1.63 6.49
N ILE A 430 -5.75 -1.46 5.50
CA ILE A 430 -4.44 -2.12 5.51
C ILE A 430 -3.37 -1.18 5.01
N PHE A 431 -3.75 -0.27 4.11
CA PHE A 431 -2.82 0.66 3.48
C PHE A 431 -3.06 2.06 3.98
N HIS A 432 -1.97 2.74 4.39
CA HIS A 432 -2.07 3.96 5.18
C HIS A 432 -2.98 5.01 4.60
N CYS A 433 -2.58 5.63 3.48
CA CYS A 433 -3.28 6.82 2.99
C CYS A 433 -3.64 6.57 1.53
N HIS A 434 -4.92 6.32 1.27
CA HIS A 434 -5.45 5.95 -0.03
C HIS A 434 -5.48 7.13 -0.99
N PRO A 435 -5.50 6.87 -2.31
CA PRO A 435 -5.49 8.00 -3.27
C PRO A 435 -6.81 8.73 -3.22
N PRO A 436 -6.81 10.05 -3.01
CA PRO A 436 -8.08 10.78 -2.88
C PRO A 436 -9.07 10.53 -4.00
N ASP A 437 -8.62 10.03 -5.15
CA ASP A 437 -9.50 9.81 -6.29
C ASP A 437 -9.91 8.34 -6.45
N GLN A 438 -9.74 7.52 -5.40
CA GLN A 438 -10.10 6.09 -5.42
C GLN A 438 -11.40 5.87 -4.65
N LYS A 439 -12.49 5.67 -5.37
CA LYS A 439 -13.79 5.67 -4.72
C LYS A 439 -14.01 4.35 -3.98
N ILE A 440 -14.29 4.47 -2.69
CA ILE A 440 -14.53 3.32 -1.83
C ILE A 440 -16.01 2.95 -1.99
N PRO A 441 -16.32 1.72 -2.42
CA PRO A 441 -17.69 1.35 -2.73
C PRO A 441 -18.62 1.47 -1.53
N LYS A 442 -19.92 1.56 -1.86
CA LYS A 442 -20.99 1.29 -0.94
C LYS A 442 -21.31 -0.20 -0.94
N PRO A 443 -21.87 -0.69 0.18
CA PRO A 443 -22.02 -2.15 0.37
C PRO A 443 -22.67 -2.92 -0.76
N LYS A 444 -23.54 -2.34 -1.61
CA LYS A 444 -24.10 -3.21 -2.65
C LYS A 444 -23.10 -3.46 -3.78
N ARG A 445 -22.37 -2.41 -4.19
CA ARG A 445 -21.19 -2.61 -5.05
C ARG A 445 -20.31 -3.72 -4.51
N LEU A 446 -19.99 -3.62 -3.21
CA LEU A 446 -19.13 -4.59 -2.57
C LEU A 446 -19.71 -5.99 -2.65
N GLN A 447 -20.98 -6.15 -2.26
CA GLN A 447 -21.60 -7.47 -2.25
C GLN A 447 -21.61 -8.09 -3.63
N GLU A 448 -21.92 -7.31 -4.68
CA GLU A 448 -21.96 -7.94 -5.99
C GLU A 448 -20.57 -8.15 -6.58
N TRP A 449 -19.57 -7.36 -6.16
CA TRP A 449 -18.19 -7.67 -6.51
C TRP A 449 -17.78 -9.03 -5.95
N PHE A 450 -18.02 -9.24 -4.65
CA PHE A 450 -17.77 -10.55 -4.05
C PHE A 450 -18.58 -11.63 -4.75
N LYS A 451 -19.81 -11.30 -5.17
CA LYS A 451 -20.65 -12.27 -5.84
C LYS A 451 -20.09 -12.65 -7.21
N LYS A 452 -19.55 -11.68 -7.95
CA LYS A 452 -19.03 -12.02 -9.27
C LYS A 452 -17.73 -12.80 -9.15
N MET A 453 -16.87 -12.43 -8.20
CA MET A 453 -15.70 -13.26 -7.94
C MET A 453 -16.10 -14.69 -7.64
N LEU A 454 -17.13 -14.86 -6.79
CA LEU A 454 -17.58 -16.19 -6.40
C LEU A 454 -18.17 -16.96 -7.56
N ASP A 455 -18.89 -16.26 -8.45
CA ASP A 455 -19.43 -16.93 -9.63
C ASP A 455 -18.32 -17.48 -10.50
N LYS A 456 -17.28 -16.65 -10.74
CA LYS A 456 -16.12 -17.14 -11.49
C LYS A 456 -15.52 -18.35 -10.81
N ALA A 457 -15.53 -18.39 -9.47
CA ALA A 457 -15.00 -19.54 -8.76
C ALA A 457 -15.84 -20.79 -8.98
N PHE A 458 -17.16 -20.65 -8.86
CA PHE A 458 -18.07 -21.77 -9.14
C PHE A 458 -17.79 -22.33 -10.52
N ALA A 459 -17.98 -21.50 -11.55
CA ALA A 459 -17.66 -21.90 -12.92
C ALA A 459 -16.27 -22.49 -13.04
N GLU A 460 -15.33 -22.05 -12.20
CA GLU A 460 -13.94 -22.45 -12.36
C GLU A 460 -13.67 -23.87 -11.92
N ARG A 461 -14.70 -24.62 -11.52
CA ARG A 461 -14.58 -25.97 -10.95
C ARG A 461 -14.18 -25.89 -9.47
N ILE A 462 -13.93 -24.69 -8.93
CA ILE A 462 -13.18 -24.53 -7.67
C ILE A 462 -14.09 -24.59 -6.45
N ILE A 463 -15.14 -23.78 -6.42
CA ILE A 463 -16.10 -23.74 -5.33
C ILE A 463 -17.37 -24.40 -5.84
N ASN A 464 -17.97 -25.27 -5.04
CA ASN A 464 -19.10 -26.06 -5.52
C ASN A 464 -20.45 -25.45 -5.17
N ASP A 465 -20.50 -24.50 -4.24
CA ASP A 465 -21.61 -23.55 -4.08
C ASP A 465 -21.27 -22.52 -3.01
N TYR A 466 -22.20 -21.61 -2.78
CA TYR A 466 -22.08 -20.53 -1.81
C TYR A 466 -23.46 -19.91 -1.67
N LYS A 467 -23.80 -19.46 -0.47
CA LYS A 467 -24.99 -18.63 -0.32
C LYS A 467 -24.88 -17.82 0.97
N ASP A 468 -25.84 -16.93 1.17
CA ASP A 468 -25.72 -15.94 2.24
C ASP A 468 -26.04 -16.57 3.58
N ILE A 469 -25.79 -15.79 4.63
CA ILE A 469 -25.73 -16.34 5.98
C ILE A 469 -27.11 -16.78 6.47
N PHE A 470 -28.16 -16.03 6.09
CA PHE A 470 -29.50 -16.44 6.51
C PHE A 470 -29.91 -17.75 5.84
N LYS A 471 -29.98 -17.76 4.50
CA LYS A 471 -30.39 -18.97 3.79
C LYS A 471 -29.42 -20.14 4.02
N GLN A 472 -28.28 -19.91 4.66
CA GLN A 472 -27.44 -21.01 5.09
C GLN A 472 -27.68 -21.43 6.53
N ALA A 473 -28.21 -20.53 7.37
CA ALA A 473 -28.48 -20.89 8.76
C ALA A 473 -29.80 -21.65 8.95
N ASN A 474 -30.74 -21.50 8.02
CA ASN A 474 -31.98 -22.24 8.16
C ASN A 474 -32.02 -23.46 7.24
N GLU A 475 -31.25 -23.45 6.14
CA GLU A 475 -31.05 -24.67 5.36
C GLU A 475 -30.20 -25.69 6.12
N ASP A 476 -29.03 -25.27 6.61
CA ASP A 476 -28.28 -26.01 7.61
C ASP A 476 -28.87 -25.70 8.99
N ARG A 477 -30.08 -26.25 9.24
CA ARG A 477 -30.96 -25.77 10.31
C ARG A 477 -30.24 -25.56 11.65
N LEU A 478 -30.50 -24.41 12.28
CA LEU A 478 -29.75 -24.02 13.49
C LEU A 478 -30.66 -23.32 14.49
N THR A 479 -30.62 -23.75 15.76
CA THR A 479 -31.49 -23.17 16.79
C THR A 479 -30.80 -22.29 17.84
N SER A 480 -29.51 -22.48 18.14
CA SER A 480 -28.82 -21.72 19.20
C SER A 480 -27.63 -20.95 18.64
N ALA A 481 -26.96 -20.19 19.51
CA ALA A 481 -25.96 -19.22 19.07
C ALA A 481 -24.55 -19.82 18.93
N LYS A 482 -24.21 -20.84 19.74
CA LYS A 482 -22.92 -21.56 19.68
C LYS A 482 -22.81 -22.47 18.45
N GLU A 483 -23.68 -22.30 17.46
CA GLU A 483 -23.65 -23.12 16.27
C GLU A 483 -23.06 -22.41 15.07
N LEU A 484 -23.04 -21.08 15.09
CA LEU A 484 -22.47 -20.33 14.00
C LEU A 484 -21.04 -19.92 14.34
N PRO A 485 -20.18 -20.02 13.35
CA PRO A 485 -18.76 -19.70 13.56
C PRO A 485 -18.58 -18.41 14.33
N TYR A 486 -17.49 -18.38 15.10
CA TYR A 486 -17.18 -17.35 16.08
C TYR A 486 -15.75 -16.93 15.76
N PHE A 487 -15.59 -15.86 14.97
CA PHE A 487 -14.30 -15.43 14.46
C PHE A 487 -13.81 -14.17 15.18
N GLU A 488 -12.51 -13.87 15.07
CA GLU A 488 -11.96 -12.73 15.80
C GLU A 488 -12.26 -11.43 15.05
N GLY A 489 -12.77 -10.45 15.78
CA GLY A 489 -13.20 -9.19 15.18
C GLY A 489 -14.42 -9.27 14.29
N ASP A 490 -15.16 -10.39 14.30
CA ASP A 490 -16.32 -10.51 13.44
C ASP A 490 -17.54 -9.88 14.12
N PHE A 491 -18.56 -9.64 13.29
CA PHE A 491 -19.74 -8.90 13.74
C PHE A 491 -20.56 -9.71 14.73
N TRP A 492 -21.00 -10.89 14.32
CA TRP A 492 -21.82 -11.75 15.17
C TRP A 492 -21.27 -11.91 16.58
N PRO A 493 -19.99 -12.22 16.80
CA PRO A 493 -19.50 -12.25 18.19
C PRO A 493 -19.95 -11.05 19.02
N ASN A 494 -19.77 -9.84 18.49
CA ASN A 494 -20.09 -8.62 19.23
C ASN A 494 -21.59 -8.37 19.35
N VAL A 495 -22.40 -8.75 18.35
CA VAL A 495 -23.84 -8.51 18.51
C VAL A 495 -24.50 -9.58 19.39
N LEU A 496 -24.04 -10.83 19.33
CA LEU A 496 -24.43 -11.78 20.34
C LEU A 496 -24.04 -11.25 21.71
N GLU A 497 -22.83 -10.71 21.84
CA GLU A 497 -22.40 -10.17 23.12
C GLU A 497 -23.40 -9.14 23.65
N GLU A 498 -23.75 -8.16 22.82
CA GLU A 498 -24.65 -7.12 23.30
C GLU A 498 -26.11 -7.52 23.28
N SER A 499 -26.45 -8.72 22.81
CA SER A 499 -27.78 -9.22 23.10
C SER A 499 -27.81 -9.73 24.54
N ILE A 500 -27.37 -8.86 25.44
CA ILE A 500 -27.01 -9.28 26.78
C ILE A 500 -28.19 -9.22 27.73
N LYS A 501 -29.17 -8.36 27.45
CA LYS A 501 -30.21 -8.06 28.41
C LYS A 501 -31.53 -8.76 28.12
N GLU A 502 -31.50 -9.75 27.23
CA GLU A 502 -32.71 -10.29 26.62
C GLU A 502 -33.73 -10.85 27.61
N LYS A 510 -35.63 -12.35 18.12
CA LYS A 510 -34.90 -11.10 17.98
C LYS A 510 -33.62 -11.31 17.16
N LEU A 511 -32.68 -12.06 17.73
CA LEU A 511 -31.36 -12.24 17.10
C LEU A 511 -31.47 -13.04 15.81
N TYR A 512 -32.22 -14.15 15.84
CA TYR A 512 -32.40 -14.99 14.67
C TYR A 512 -32.90 -14.20 13.46
N ALA A 513 -33.48 -13.02 13.68
CA ALA A 513 -34.10 -12.22 12.63
C ALA A 513 -33.20 -11.13 12.07
N THR A 514 -32.27 -10.64 12.90
CA THR A 514 -31.25 -9.75 12.37
C THR A 514 -30.32 -10.47 11.41
N MET A 515 -30.32 -11.80 11.43
CA MET A 515 -29.48 -12.59 10.55
C MET A 515 -29.69 -12.25 9.07
N GLU A 516 -30.94 -12.07 8.64
CA GLU A 516 -31.28 -11.75 7.25
C GLU A 516 -31.62 -10.31 7.01
N LYS A 517 -31.54 -9.45 8.03
CA LYS A 517 -31.38 -8.04 7.71
C LYS A 517 -30.03 -7.81 7.03
N HIS A 518 -28.96 -8.35 7.62
CA HIS A 518 -27.62 -8.20 7.06
C HIS A 518 -27.17 -9.45 6.32
N LYS A 519 -28.07 -10.11 5.58
CA LYS A 519 -27.67 -11.39 5.00
C LYS A 519 -26.79 -11.26 3.76
N GLU A 520 -26.92 -10.22 2.94
CA GLU A 520 -26.13 -10.17 1.71
C GLU A 520 -24.72 -9.64 1.95
N VAL A 521 -24.42 -9.18 3.16
CA VAL A 521 -23.08 -8.73 3.50
C VAL A 521 -22.22 -9.88 4.03
N PHE A 522 -22.83 -10.84 4.72
CA PHE A 522 -22.15 -12.04 5.21
C PHE A 522 -22.36 -13.21 4.26
N PHE A 523 -21.27 -13.85 3.82
CA PHE A 523 -21.30 -15.00 2.91
C PHE A 523 -20.93 -16.29 3.62
N VAL A 524 -21.30 -17.41 2.96
CA VAL A 524 -20.90 -18.77 3.34
C VAL A 524 -20.53 -19.52 2.07
N ILE A 525 -19.36 -20.16 2.08
CA ILE A 525 -18.63 -20.55 0.89
C ILE A 525 -18.23 -22.02 1.03
N HIS A 526 -18.80 -22.89 0.19
CA HIS A 526 -18.62 -24.34 0.34
C HIS A 526 -17.50 -24.81 -0.59
N LEU A 527 -16.40 -25.28 -0.01
CA LEU A 527 -15.30 -25.74 -0.84
C LEU A 527 -15.52 -27.16 -1.33
N HIS A 528 -16.31 -27.96 -0.63
CA HIS A 528 -16.44 -29.37 -0.95
C HIS A 528 -17.89 -29.80 -1.00
N ALA A 529 -18.13 -30.88 -1.75
CA ALA A 529 -19.45 -31.49 -1.89
C ALA A 529 -19.62 -32.74 -1.04
N GLY A 530 -18.62 -33.63 -1.04
CA GLY A 530 -18.56 -34.80 -0.15
C GLY A 530 -19.85 -35.55 0.10
N GLN A 536 -11.56 -35.59 5.90
CA GLN A 536 -11.38 -36.70 6.82
C GLN A 536 -9.93 -36.90 7.31
N PRO A 537 -8.93 -36.63 6.46
CA PRO A 537 -7.54 -36.59 6.95
C PRO A 537 -7.12 -35.17 7.30
N PRO A 538 -6.43 -35.00 8.43
CA PRO A 538 -6.22 -33.66 9.00
C PRO A 538 -5.51 -32.70 8.07
N ILE A 539 -5.73 -31.40 8.33
CA ILE A 539 -5.03 -30.34 7.64
C ILE A 539 -3.55 -30.42 7.96
N VAL A 540 -2.71 -30.07 7.00
CA VAL A 540 -1.31 -29.81 7.31
C VAL A 540 -0.91 -28.58 6.51
N ASP A 541 -0.36 -27.59 7.18
CA ASP A 541 0.10 -26.41 6.50
C ASP A 541 1.56 -26.65 6.21
N PRO A 542 1.95 -26.85 4.95
CA PRO A 542 3.39 -26.97 4.66
C PRO A 542 4.16 -25.76 5.14
N ASP A 543 3.57 -24.57 4.97
CA ASP A 543 4.31 -23.33 5.14
C ASP A 543 4.71 -23.13 6.60
N PRO A 544 5.99 -22.87 6.89
CA PRO A 544 6.39 -22.49 8.24
C PRO A 544 5.68 -21.24 8.75
N LEU A 545 5.83 -21.00 10.04
CA LEU A 545 5.41 -19.74 10.62
C LEU A 545 6.38 -18.63 10.23
N LEU A 546 5.83 -17.42 10.12
CA LEU A 546 6.59 -16.20 9.87
C LEU A 546 6.17 -15.23 10.97
N SER A 547 6.96 -15.19 12.03
CA SER A 547 6.74 -14.19 13.07
C SER A 547 7.20 -12.85 12.52
N CYS A 548 6.26 -11.93 12.36
CA CYS A 548 6.61 -10.58 11.89
C CYS A 548 5.57 -9.62 12.46
N ASP A 549 5.96 -8.93 13.52
CA ASP A 549 4.99 -8.17 14.29
C ASP A 549 4.33 -7.07 13.47
N LEU A 550 5.11 -6.40 12.59
CA LEU A 550 4.54 -5.32 11.78
C LEU A 550 3.31 -5.79 11.02
N MET A 551 3.21 -7.10 10.76
CA MET A 551 2.10 -7.67 10.00
C MET A 551 1.24 -8.59 10.84
N ASP A 552 1.37 -8.51 12.17
CA ASP A 552 0.48 -9.21 13.08
C ASP A 552 -0.78 -8.37 13.25
N GLY A 553 -1.87 -8.82 12.64
CA GLY A 553 -3.02 -7.94 12.60
C GLY A 553 -2.78 -6.85 11.59
N ARG A 554 -3.44 -5.72 11.78
CA ARG A 554 -3.41 -4.65 10.81
C ARG A 554 -3.05 -3.31 11.40
N ASP A 555 -3.09 -3.16 12.72
CA ASP A 555 -2.85 -1.85 13.31
C ASP A 555 -1.38 -1.49 13.25
N ALA A 556 -0.51 -2.50 13.34
CA ALA A 556 0.91 -2.22 13.40
C ALA A 556 1.37 -1.46 12.17
N PHE A 557 1.00 -1.97 10.99
CA PHE A 557 1.53 -1.39 9.75
C PHE A 557 0.94 -0.02 9.47
N LEU A 558 -0.37 0.15 9.69
CA LEU A 558 -0.96 1.46 9.54
C LEU A 558 -0.32 2.46 10.48
N THR A 559 -0.18 2.10 11.76
CA THR A 559 0.46 3.03 12.69
C THR A 559 1.86 3.41 12.22
N LEU A 560 2.66 2.41 11.85
CA LEU A 560 4.04 2.73 11.44
C LEU A 560 4.03 3.65 10.25
N ALA A 561 3.13 3.38 9.29
CA ALA A 561 3.04 4.16 8.06
C ALA A 561 2.56 5.58 8.31
N ARG A 562 1.65 5.77 9.28
CA ARG A 562 1.18 7.12 9.60
C ARG A 562 2.31 7.91 10.23
N ASP A 563 3.09 7.25 11.07
CA ASP A 563 4.27 7.91 11.61
C ASP A 563 5.21 8.29 10.47
N LYS A 564 5.70 7.30 9.73
CA LYS A 564 6.78 7.51 8.79
C LYS A 564 6.31 8.14 7.48
N HIS A 565 5.01 8.37 7.33
CA HIS A 565 4.46 9.03 6.16
C HIS A 565 4.56 8.19 4.89
N TRP A 566 4.53 6.88 5.05
CA TRP A 566 4.40 5.96 3.91
C TRP A 566 2.94 5.97 3.48
N GLU A 567 2.59 6.89 2.57
CA GLU A 567 1.23 6.98 2.05
C GLU A 567 1.11 6.21 0.74
N PHE A 568 -0.09 5.74 0.46
CA PHE A 568 -0.37 5.15 -0.84
C PHE A 568 -1.30 6.04 -1.68
N SER A 569 -1.09 7.36 -1.62
CA SER A 569 -1.98 8.32 -2.26
C SER A 569 -1.55 8.72 -3.67
N SER A 570 -0.34 8.35 -4.09
CA SER A 570 0.23 8.70 -5.39
C SER A 570 0.90 7.46 -5.96
N LEU A 571 1.01 7.35 -7.27
CA LEU A 571 1.86 6.28 -7.76
C LEU A 571 3.29 6.46 -7.29
N ARG A 572 3.77 7.70 -7.16
CA ARG A 572 5.14 7.88 -6.71
C ARG A 572 5.25 7.70 -5.21
N ARG A 573 4.27 8.20 -4.44
CA ARG A 573 4.29 7.94 -3.00
C ARG A 573 4.14 6.45 -2.72
N SER A 574 3.29 5.76 -3.49
CA SER A 574 3.13 4.32 -3.35
C SER A 574 4.44 3.60 -3.63
N LYS A 575 5.09 3.96 -4.74
CA LYS A 575 6.41 3.42 -5.02
C LYS A 575 7.31 3.55 -3.79
N TRP A 576 7.35 4.76 -3.22
CA TRP A 576 8.26 5.02 -2.10
C TRP A 576 7.88 4.24 -0.84
N SER A 577 6.58 4.14 -0.56
CA SER A 577 6.10 3.41 0.61
C SER A 577 6.32 1.93 0.44
N THR A 578 6.11 1.39 -0.77
CA THR A 578 6.51 0.01 -1.04
C THR A 578 8.00 -0.18 -0.73
N LEU A 579 8.84 0.77 -1.13
CA LEU A 579 10.26 0.61 -0.90
C LEU A 579 10.53 0.42 0.58
N CYS A 580 10.11 1.42 1.37
CA CYS A 580 10.41 1.44 2.80
C CYS A 580 9.73 0.30 3.54
N MET A 581 8.50 -0.08 3.13
CA MET A 581 7.84 -1.22 3.75
C MET A 581 8.61 -2.50 3.45
N LEU A 582 9.18 -2.63 2.25
CA LEU A 582 9.91 -3.85 1.97
C LEU A 582 11.19 -3.89 2.79
N VAL A 583 11.88 -2.75 2.96
CA VAL A 583 13.07 -2.90 3.82
C VAL A 583 12.66 -3.03 5.28
N GLU A 584 11.45 -2.60 5.65
CA GLU A 584 10.99 -2.90 7.01
C GLU A 584 10.78 -4.39 7.19
N LEU A 585 10.07 -5.01 6.24
CA LEU A 585 9.89 -6.46 6.30
C LEU A 585 11.24 -7.18 6.28
N HIS A 586 12.17 -6.73 5.43
CA HIS A 586 13.45 -7.44 5.30
C HIS A 586 14.31 -7.30 6.56
N THR A 587 14.35 -6.11 7.19
CA THR A 587 15.27 -5.86 8.31
C THR A 587 14.64 -5.93 9.69
N GLN A 588 13.32 -5.91 9.79
CA GLN A 588 12.70 -6.24 11.07
C GLN A 588 12.07 -7.62 10.98
N GLY A 589 12.87 -8.52 10.43
CA GLY A 589 12.58 -9.92 10.49
C GLY A 589 12.68 -10.36 11.93
N GLN A 590 11.52 -10.52 12.58
CA GLN A 590 11.44 -11.10 13.92
C GLN A 590 11.84 -12.57 13.93
N ASP A 591 11.80 -13.22 12.76
CA ASP A 591 12.43 -14.51 12.52
C ASP A 591 13.81 -14.26 11.95
N ARG A 592 14.83 -14.88 12.52
CA ARG A 592 16.12 -14.89 11.84
C ARG A 592 16.66 -16.32 11.85
N PHE A 593 17.25 -16.70 10.72
CA PHE A 593 17.16 -18.05 10.17
C PHE A 593 18.21 -19.01 10.75
N VAL A 594 17.82 -20.28 10.87
CA VAL A 594 18.71 -21.39 11.21
C VAL A 594 18.74 -22.34 10.02
N TYR A 595 19.57 -22.01 9.03
CA TYR A 595 19.52 -22.66 7.72
C TYR A 595 19.71 -24.16 7.84
N THR A 596 19.20 -24.88 6.83
CA THR A 596 19.25 -26.33 6.80
C THR A 596 19.57 -26.82 5.39
N CYS A 597 20.37 -27.87 5.29
CA CYS A 597 20.60 -28.54 4.02
C CYS A 597 19.50 -29.57 3.76
N ASN A 598 19.38 -29.99 2.50
CA ASN A 598 18.16 -30.62 1.99
C ASN A 598 18.28 -32.08 1.60
N GLU A 599 19.50 -32.57 1.33
CA GLU A 599 19.67 -34.02 1.22
C GLU A 599 19.90 -34.68 2.57
N CYS A 600 20.43 -33.98 3.55
CA CYS A 600 20.74 -34.61 4.81
C CYS A 600 19.85 -34.15 5.97
N LYS A 601 18.99 -33.15 5.73
CA LYS A 601 18.23 -32.46 6.79
C LYS A 601 19.11 -31.96 7.93
N HIS A 602 20.37 -31.60 7.62
CA HIS A 602 21.30 -31.10 8.62
C HIS A 602 21.09 -29.59 8.84
N HIS A 603 21.86 -29.04 9.80
CA HIS A 603 21.89 -27.61 10.11
C HIS A 603 23.31 -27.11 9.89
N VAL A 604 23.52 -26.39 8.78
CA VAL A 604 24.85 -26.18 8.23
C VAL A 604 25.11 -24.69 8.04
N GLU A 605 26.33 -24.25 8.43
CA GLU A 605 26.75 -22.84 8.30
C GLU A 605 27.21 -22.54 6.88
N THR A 606 28.05 -23.40 6.33
CA THR A 606 28.51 -23.31 4.95
C THR A 606 27.66 -24.27 4.14
N ARG A 607 27.16 -23.81 2.99
CA ARG A 607 26.32 -24.66 2.15
C ARG A 607 26.49 -24.28 0.69
N TRP A 608 26.01 -25.17 -0.17
CA TRP A 608 26.09 -25.02 -1.62
C TRP A 608 24.68 -24.79 -2.13
N HIS A 609 24.28 -23.52 -2.20
CA HIS A 609 22.95 -23.18 -2.66
C HIS A 609 22.77 -23.54 -4.13
N CYS A 610 21.52 -23.71 -4.53
CA CYS A 610 21.19 -23.88 -5.93
C CYS A 610 20.66 -22.57 -6.48
N THR A 611 20.88 -22.33 -7.78
CA THR A 611 20.49 -21.07 -8.37
C THR A 611 19.01 -21.04 -8.79
N VAL A 612 18.47 -22.15 -9.34
CA VAL A 612 17.10 -22.13 -9.85
C VAL A 612 16.08 -22.83 -8.93
N CYS A 613 16.52 -23.66 -7.98
CA CYS A 613 15.63 -24.14 -6.93
C CYS A 613 15.17 -22.98 -6.05
N GLU A 614 14.00 -23.14 -5.45
CA GLU A 614 13.47 -22.06 -4.61
C GLU A 614 14.18 -22.00 -3.27
N ASP A 615 14.64 -23.15 -2.73
CA ASP A 615 15.41 -23.07 -1.49
C ASP A 615 16.39 -24.25 -1.31
N TYR A 616 16.88 -24.87 -2.38
CA TYR A 616 17.68 -26.10 -2.26
C TYR A 616 19.14 -25.77 -1.95
N ASP A 617 19.57 -26.12 -0.73
CA ASP A 617 20.96 -26.08 -0.27
C ASP A 617 21.49 -27.50 -0.14
N LEU A 618 22.82 -27.66 -0.12
CA LEU A 618 23.38 -28.99 0.10
C LEU A 618 24.65 -28.91 0.91
N CYS A 619 24.62 -29.55 2.09
CA CYS A 619 25.80 -29.79 2.92
C CYS A 619 26.66 -30.89 2.27
N ILE A 620 27.81 -30.49 1.71
CA ILE A 620 28.73 -31.36 0.98
C ILE A 620 28.87 -32.74 1.63
N ASN A 621 29.54 -32.78 2.78
CA ASN A 621 29.93 -34.01 3.47
C ASN A 621 30.49 -35.06 2.50
N HIS A 628 24.43 -34.18 -7.60
CA HIS A 628 23.16 -33.50 -7.77
C HIS A 628 23.03 -32.68 -9.08
N THR A 629 21.82 -32.78 -9.64
CA THR A 629 21.45 -32.22 -10.95
C THR A 629 21.97 -30.80 -11.18
N HIS A 630 21.56 -29.86 -10.32
CA HIS A 630 21.61 -28.44 -10.67
C HIS A 630 23.01 -27.85 -10.57
N LYS A 631 23.13 -26.61 -11.07
CA LYS A 631 24.34 -25.80 -10.92
C LYS A 631 24.33 -25.19 -9.51
N MET A 632 25.18 -25.72 -8.63
CA MET A 632 25.30 -25.23 -7.26
C MET A 632 26.41 -24.18 -7.15
N VAL A 633 26.17 -23.13 -6.34
CA VAL A 633 27.14 -22.09 -6.06
C VAL A 633 27.44 -22.07 -4.56
N LYS A 634 28.67 -21.67 -4.23
CA LYS A 634 29.20 -21.79 -2.88
C LYS A 634 28.75 -20.69 -1.92
ZN ZN B . 10.85 15.66 -7.39
ZN ZN C . 24.99 14.21 -8.90
ZN ZN D . 24.36 -33.34 3.39
ZN ZN E . 18.62 -27.31 -7.87
O1 01K F . -15.53 -1.89 -6.32
P2 01K F . -14.42 -1.06 -6.99
O3 01K F . -13.54 -2.07 -7.85
P4 01K F . -12.15 -2.79 -7.57
O5 01K F . -12.16 -2.90 -5.92
C6 01K F . -11.80 -4.03 -5.11
C7 01K F . -11.83 -3.68 -3.63
C8 01K F . -13.16 -4.17 -3.02
C9 01K F . -10.69 -4.41 -2.91
C10 01K F . -11.70 -2.14 -3.42
O11 01K F . -12.96 -1.51 -3.65
C12 01K F . -11.08 -1.61 -2.14
N13 01K F . -11.87 -0.88 -1.35
C14 01K F . -11.40 -0.23 -0.12
C15 01K F . -11.24 -1.23 1.01
C16 01K F . -12.35 -2.24 1.03
N17 01K F . -12.63 -2.79 2.21
C18 01K F . -13.62 -3.85 2.34
C19 01K F . -12.95 -5.21 2.41
S20 01K F . -14.03 -6.65 2.21
C21 01K F . -14.90 -6.70 3.81
C22 01K F . -14.06 -6.97 5.05
NZ 01K F . -14.76 -7.15 6.17
CE 01K F . -14.17 -7.02 7.49
CD 01K F . -14.52 -5.70 8.16
CG 01K F . -13.58 -5.38 9.30
CB 01K F . -14.23 -4.79 10.55
CA 01K F . -13.94 -3.32 10.83
N 01K F . -14.75 -2.85 11.96
C 01K F . -12.43 -3.07 10.95
O 01K F . -11.94 -2.01 10.56
O33 01K F . -12.95 -2.54 0.00
O34 01K F . -9.89 -1.81 -1.90
O35 01K F . -11.04 -1.97 -8.13
O36 01K F . -12.25 -4.23 -8.12
O37 01K F . -13.59 -0.28 -6.03
O38 01K F . -15.10 -0.06 -8.07
C40 01K F . -15.71 1.09 -10.05
C41 01K F . -14.80 2.31 -10.26
O45 01K F . -14.89 2.81 -14.15
O46 01K F . -13.97 0.86 -12.83
C54 01K F . -18.07 4.16 -7.18
C63 01K F . -16.07 -1.24 13.19
C61 01K F . -14.91 -1.55 12.30
O62 01K F . -14.14 -0.68 11.89
N64 01K F . -11.69 -4.07 11.43
O32 01K F . -12.84 -6.94 5.01
C39 01K F . -15.00 -0.13 -9.51
O60 01K F . -16.72 1.51 -9.10
O42 01K F . -14.97 2.82 -11.61
P43 01K F . -14.07 2.40 -12.90
O44 01K F . -12.74 3.09 -12.89
C47 01K F . -15.25 3.35 -9.23
O48 01K F . -15.23 4.62 -9.87
C49 01K F . -16.69 2.90 -8.92
N50 01K F . -17.15 3.21 -7.57
C51 01K F . -16.73 2.60 -6.42
N52 01K F . -17.30 3.06 -5.33
C53 01K F . -18.14 4.05 -5.80
N55 01K F . -18.74 5.02 -7.95
C56 01K F . -19.55 5.80 -7.22
N57 01K F . -19.73 5.81 -5.90
C58 01K F . -19.03 4.94 -5.13
N59 01K F . -19.19 4.98 -3.81
#